data_7WX0
#
_entry.id   7WX0
#
_cell.length_a   38.781
_cell.length_b   50.677
_cell.length_c   185.905
_cell.angle_alpha   90.00
_cell.angle_beta   90.00
_cell.angle_gamma   90.00
#
_symmetry.space_group_name_H-M   'P 21 21 21'
#
loop_
_entity.id
_entity.type
_entity.pdbx_description
1 polymer 'Superoxide dismutase [Cu-Zn]'
2 non-polymer 'ZINC ION'
3 non-polymer 'COPPER (II) ION'
4 water water
#
_entity_poly.entity_id   1
_entity_poly.type   'polypeptide(L)'
_entity_poly.pdbx_seq_one_letter_code
;MEMKAVCVLKGQGPVEGTIHFVQKGSGPVVVSGTITGLTKGEHGFHVHQFGDNTQGCTSAGPHFNPLSKKHGGPKDQERH
VGDLGNVTAGKDGVAIVSIEDSLIALSGDYSIIGRTMVVHEKRDDLGKGDNEESTQTGNAGSRLACGVIGIAQ
;
_entity_poly.pdbx_strand_id   A,B
#
loop_
_chem_comp.id
_chem_comp.type
_chem_comp.name
_chem_comp.formula
CU non-polymer 'COPPER (II) ION' 'Cu 2'
ZN non-polymer 'ZINC ION' 'Zn 2'
#
# COMPACT_ATOMS: atom_id res chain seq x y z
N MET A 1 7.93 17.60 -7.98
CA MET A 1 7.85 18.50 -6.83
C MET A 1 6.58 18.21 -6.03
N GLU A 2 5.45 17.85 -6.62
CA GLU A 2 4.22 17.59 -5.82
C GLU A 2 3.97 16.07 -5.75
N MET A 3 3.79 15.56 -4.54
CA MET A 3 3.54 14.14 -4.32
C MET A 3 2.15 14.05 -3.69
N LYS A 4 1.40 13.03 -4.07
CA LYS A 4 0.09 12.72 -3.48
C LYS A 4 0.09 11.27 -3.10
N ALA A 5 -0.64 10.96 -2.02
CA ALA A 5 -0.78 9.58 -1.53
C ALA A 5 -2.20 9.42 -1.03
N VAL A 6 -2.61 8.17 -0.83
CA VAL A 6 -3.97 7.81 -0.37
C VAL A 6 -3.87 6.50 0.41
N CYS A 7 -4.80 6.33 1.35
CA CYS A 7 -4.84 5.16 2.21
C CYS A 7 -6.28 4.82 2.53
N VAL A 8 -6.69 3.62 2.22
CA VAL A 8 -8.05 3.14 2.56
C VAL A 8 -7.93 2.29 3.79
N LEU A 9 -8.62 2.74 4.85
CA LEU A 9 -8.58 2.02 6.15
C LEU A 9 -9.72 1.01 6.26
N LYS A 10 -9.35 -0.21 6.64
CA LYS A 10 -10.32 -1.30 6.86
C LYS A 10 -9.88 -2.09 8.08
N GLY A 11 -10.84 -2.75 8.76
CA GLY A 11 -10.52 -3.65 9.87
C GLY A 11 -11.52 -4.79 9.98
N GLN A 12 -11.59 -5.38 11.18
CA GLN A 12 -12.48 -6.53 11.49
C GLN A 12 -13.88 -6.01 11.80
N GLY A 13 -13.95 -4.79 12.29
CA GLY A 13 -15.16 -4.16 12.82
C GLY A 13 -15.72 -3.17 11.82
N PRO A 14 -16.50 -2.20 12.30
CA PRO A 14 -17.20 -1.27 11.44
C PRO A 14 -16.35 -0.07 11.02
N VAL A 15 -15.14 0.06 11.54
CA VAL A 15 -14.36 1.32 11.25
C VAL A 15 -13.77 1.26 9.83
N GLU A 16 -14.00 2.32 9.09
CA GLU A 16 -13.47 2.48 7.71
C GLU A 16 -13.09 3.93 7.48
N GLY A 17 -12.27 4.20 6.48
CA GLY A 17 -11.98 5.59 6.17
C GLY A 17 -11.08 5.70 4.96
N THR A 18 -10.93 6.91 4.50
CA THR A 18 -10.04 7.26 3.38
C THR A 18 -9.21 8.45 3.81
N ILE A 19 -7.91 8.30 3.72
CA ILE A 19 -6.94 9.34 4.11
C ILE A 19 -6.24 9.80 2.86
N HIS A 20 -6.14 11.11 2.67
CA HIS A 20 -5.42 11.73 1.54
C HIS A 20 -4.20 12.43 2.10
N PHE A 21 -3.13 12.46 1.31
CA PHE A 21 -1.85 13.11 1.67
C PHE A 21 -1.35 13.92 0.48
N VAL A 22 -0.80 15.11 0.74
CA VAL A 22 -0.20 15.94 -0.34
C VAL A 22 1.03 16.63 0.23
N GLN A 23 2.08 16.69 -0.56
CA GLN A 23 3.31 17.35 -0.16
C GLN A 23 3.85 18.07 -1.38
N LYS A 24 3.98 19.38 -1.30
CA LYS A 24 4.42 20.21 -2.48
C LYS A 24 5.83 20.71 -2.16
N GLY A 25 6.81 20.27 -2.94
CA GLY A 25 8.24 20.53 -2.65
C GLY A 25 8.60 19.92 -1.33
N SER A 26 9.31 20.67 -0.50
CA SER A 26 9.56 20.34 0.92
C SER A 26 8.66 21.21 1.81
N GLY A 27 7.47 21.57 1.34
CA GLY A 27 6.36 21.95 2.23
C GLY A 27 6.06 20.79 3.19
N PRO A 28 5.13 20.99 4.13
CA PRO A 28 4.75 19.89 5.01
C PRO A 28 3.81 18.92 4.26
N VAL A 29 3.61 17.75 4.87
CA VAL A 29 2.55 16.81 4.37
C VAL A 29 1.22 17.26 4.96
N VAL A 30 0.24 17.52 4.13
CA VAL A 30 -1.14 17.90 4.49
C VAL A 30 -1.99 16.64 4.39
N VAL A 31 -2.60 16.28 5.52
CA VAL A 31 -3.31 15.00 5.69
C VAL A 31 -4.76 15.37 5.86
N SER A 32 -5.63 14.75 5.11
CA SER A 32 -7.08 15.00 5.11
C SER A 32 -7.82 13.67 4.96
N GLY A 33 -9.13 13.70 5.09
CA GLY A 33 -9.97 12.53 4.83
C GLY A 33 -10.95 12.36 5.96
N THR A 34 -11.59 11.20 5.97
CA THR A 34 -12.79 10.91 6.78
C THR A 34 -12.63 9.51 7.34
N ILE A 35 -12.95 9.32 8.61
CA ILE A 35 -13.01 7.98 9.22
C ILE A 35 -14.40 7.82 9.83
N THR A 36 -15.04 6.68 9.62
CA THR A 36 -16.41 6.45 10.11
C THR A 36 -16.43 5.22 10.98
N GLY A 37 -17.49 5.04 11.78
CA GLY A 37 -17.69 3.86 12.62
C GLY A 37 -17.02 3.92 13.98
N LEU A 38 -16.48 5.07 14.36
CA LEU A 38 -15.69 5.22 15.61
C LEU A 38 -16.62 5.51 16.79
N THR A 39 -16.18 5.11 17.97
CA THR A 39 -16.86 5.60 19.20
C THR A 39 -16.59 7.09 19.37
N LYS A 40 -17.49 7.83 20.01
CA LYS A 40 -17.30 9.26 20.27
C LYS A 40 -16.04 9.45 21.12
N GLY A 41 -15.21 10.38 20.71
CA GLY A 41 -14.02 10.76 21.48
C GLY A 41 -12.79 10.71 20.59
N GLU A 42 -11.67 10.73 21.25
CA GLU A 42 -10.35 10.82 20.58
C GLU A 42 -9.85 9.42 20.32
N HIS A 43 -9.17 9.30 19.17
CA HIS A 43 -8.55 8.04 18.71
C HIS A 43 -7.15 8.27 18.14
N GLY A 44 -6.22 7.51 18.66
CA GLY A 44 -4.83 7.64 18.20
C GLY A 44 -4.69 7.29 16.72
N PHE A 45 -3.74 7.95 16.07
CA PHE A 45 -3.64 7.97 14.58
C PHE A 45 -2.16 8.04 14.23
N HIS A 46 -1.59 6.97 13.71
CA HIS A 46 -0.14 6.91 13.47
C HIS A 46 0.20 6.17 12.18
N VAL A 47 1.39 6.51 11.67
CA VAL A 47 2.04 5.71 10.64
C VAL A 47 2.82 4.60 11.33
N HIS A 48 2.53 3.38 10.98
CA HIS A 48 3.25 2.18 11.44
C HIS A 48 4.29 1.80 10.34
N GLN A 49 5.27 1.05 10.76
CA GLN A 49 6.51 0.82 9.98
C GLN A 49 6.21 0.02 8.69
N PHE A 50 5.44 -1.05 8.74
CA PHE A 50 5.35 -2.00 7.61
C PHE A 50 4.01 -1.86 6.93
N GLY A 51 4.02 -1.86 5.59
CA GLY A 51 2.81 -1.97 4.78
C GLY A 51 2.40 -3.40 4.57
N ASP A 52 2.24 -4.13 5.68
CA ASP A 52 2.05 -5.59 5.66
C ASP A 52 0.69 -5.86 6.32
N ASN A 53 -0.28 -6.23 5.52
CA ASN A 53 -1.65 -6.53 5.99
C ASN A 53 -1.88 -8.04 6.04
N THR A 54 -0.87 -8.88 6.05
CA THR A 54 -1.09 -10.35 6.02
C THR A 54 -1.76 -10.81 7.30
N GLN A 55 -1.60 -10.09 8.39
CA GLN A 55 -2.31 -10.44 9.64
C GLN A 55 -3.10 -9.24 10.09
N GLY A 56 -3.93 -8.67 9.23
CA GLY A 56 -4.70 -7.47 9.53
C GLY A 56 -3.77 -6.35 9.96
N CYS A 57 -4.16 -5.58 10.94
CA CYS A 57 -3.36 -4.45 11.41
C CYS A 57 -2.15 -4.88 12.24
N THR A 58 -2.16 -6.08 12.80
CA THR A 58 -1.06 -6.56 13.67
C THR A 58 0.29 -6.58 12.93
N SER A 59 0.25 -6.96 11.65
CA SER A 59 1.48 -7.17 10.86
C SER A 59 2.07 -5.82 10.43
N ALA A 60 1.46 -4.69 10.75
CA ALA A 60 2.00 -3.35 10.40
C ALA A 60 3.17 -3.00 11.31
N GLY A 61 3.40 -3.79 12.37
CA GLY A 61 4.56 -3.49 13.22
C GLY A 61 4.30 -2.27 14.08
N PRO A 62 5.37 -1.74 14.69
CA PRO A 62 5.24 -0.60 15.59
C PRO A 62 5.20 0.75 14.86
N HIS A 63 5.09 1.86 15.59
CA HIS A 63 5.08 3.20 14.98
C HIS A 63 6.39 3.40 14.20
N PHE A 64 6.27 3.96 13.03
CA PHE A 64 7.46 4.27 12.19
C PHE A 64 8.39 5.19 12.99
N ASN A 65 9.63 4.73 13.17
CA ASN A 65 10.58 5.36 14.13
C ASN A 65 12.01 5.20 13.69
N PRO A 66 12.37 5.79 12.54
CA PRO A 66 13.71 5.60 12.02
C PRO A 66 14.78 6.29 12.89
N LEU A 67 14.42 7.24 13.73
CA LEU A 67 15.39 7.96 14.61
C LEU A 67 15.42 7.35 16.01
N SER A 68 14.75 6.23 16.24
CA SER A 68 14.87 5.42 17.49
C SER A 68 14.58 6.30 18.69
N LYS A 69 13.52 7.10 18.62
CA LYS A 69 13.04 7.97 19.71
C LYS A 69 11.87 7.32 20.47
N LYS A 70 11.47 7.97 21.56
CA LYS A 70 10.27 7.59 22.35
C LYS A 70 9.04 8.20 21.69
N HIS A 71 7.89 7.62 22.02
CA HIS A 71 6.59 8.09 21.51
C HIS A 71 6.33 9.49 22.00
N GLY A 72 5.68 10.30 21.21
CA GLY A 72 5.21 11.64 21.56
C GLY A 72 3.98 12.07 20.81
N GLY A 73 3.47 13.26 21.07
CA GLY A 73 2.53 13.95 20.19
C GLY A 73 3.28 14.60 19.03
N PRO A 74 2.55 14.99 17.98
CA PRO A 74 3.19 15.51 16.79
C PRO A 74 3.98 16.80 17.05
N LYS A 75 3.62 17.53 18.10
CA LYS A 75 4.35 18.79 18.45
C LYS A 75 5.59 18.53 19.30
N ASP A 76 5.80 17.33 19.79
CA ASP A 76 6.94 17.00 20.71
C ASP A 76 8.23 16.79 19.89
N GLN A 77 9.35 17.33 20.37
CA GLN A 77 10.70 17.03 19.83
C GLN A 77 10.93 15.52 19.84
N GLU A 78 10.66 14.90 20.99
CA GLU A 78 10.77 13.45 21.21
C GLU A 78 9.44 12.87 20.74
N ARG A 79 9.46 12.37 19.52
CA ARG A 79 8.30 11.61 18.93
C ARG A 79 8.90 10.62 17.95
N HIS A 80 8.10 9.66 17.58
CA HIS A 80 8.30 8.82 16.39
C HIS A 80 7.92 9.64 15.17
N VAL A 81 8.57 9.35 14.04
CA VAL A 81 8.14 10.00 12.78
C VAL A 81 6.63 9.77 12.55
N GLY A 82 6.18 8.55 12.85
CA GLY A 82 4.78 8.21 12.58
C GLY A 82 3.73 8.81 13.54
N ASP A 83 4.10 9.63 14.52
CA ASP A 83 3.17 10.10 15.59
C ASP A 83 2.34 11.28 15.12
N LEU A 84 1.08 11.05 14.74
CA LEU A 84 0.18 12.09 14.25
C LEU A 84 -0.96 12.39 15.24
N GLY A 85 -0.80 11.91 16.47
CA GLY A 85 -1.69 12.36 17.55
C GLY A 85 -3.06 11.70 17.53
N ASN A 86 -4.10 12.51 17.68
CA ASN A 86 -5.49 11.99 17.79
C ASN A 86 -6.37 12.60 16.72
N VAL A 87 -7.34 11.81 16.29
CA VAL A 87 -8.51 12.28 15.53
C VAL A 87 -9.73 12.12 16.43
N THR A 88 -10.72 12.95 16.18
CA THR A 88 -11.89 13.07 17.07
C THR A 88 -13.15 12.71 16.32
N ALA A 89 -13.93 11.79 16.90
CA ALA A 89 -15.30 11.47 16.41
C ALA A 89 -16.34 12.06 17.36
N GLY A 90 -17.38 12.64 16.75
CA GLY A 90 -18.59 13.03 17.46
C GLY A 90 -19.56 11.87 17.58
N LYS A 91 -20.80 12.25 17.88
CA LYS A 91 -21.88 11.29 18.18
C LYS A 91 -22.22 10.43 16.95
N ASP A 92 -21.87 10.87 15.74
CA ASP A 92 -22.18 10.16 14.46
C ASP A 92 -21.07 9.13 14.14
N GLY A 93 -20.01 9.09 14.94
CA GLY A 93 -18.86 8.19 14.73
C GLY A 93 -17.91 8.66 13.62
N VAL A 94 -18.02 9.88 13.15
CA VAL A 94 -17.30 10.45 12.00
C VAL A 94 -16.17 11.36 12.46
N ALA A 95 -14.94 11.02 12.10
CA ALA A 95 -13.76 11.90 12.30
C ALA A 95 -13.41 12.56 10.98
N ILE A 96 -13.28 13.87 10.97
CA ILE A 96 -12.78 14.64 9.81
C ILE A 96 -11.31 14.91 10.08
N VAL A 97 -10.45 14.26 9.30
CA VAL A 97 -8.99 14.33 9.54
C VAL A 97 -8.46 15.61 8.92
N SER A 98 -7.71 16.37 9.69
CA SER A 98 -7.09 17.63 9.22
C SER A 98 -5.80 17.87 9.98
N ILE A 99 -4.68 17.53 9.37
CA ILE A 99 -3.38 17.49 10.04
C ILE A 99 -2.37 18.05 9.06
N GLU A 100 -1.41 18.81 9.55
CA GLU A 100 -0.22 19.23 8.78
C GLU A 100 0.99 18.77 9.58
N ASP A 101 1.93 18.09 8.96
CA ASP A 101 3.11 17.54 9.65
C ASP A 101 4.35 17.62 8.78
N SER A 102 5.46 18.04 9.38
CA SER A 102 6.74 18.30 8.67
C SER A 102 7.74 17.18 8.90
N LEU A 103 7.48 16.17 9.71
CA LEU A 103 8.46 15.11 9.96
C LEU A 103 8.14 13.95 9.01
N ILE A 104 6.86 13.56 8.90
CA ILE A 104 6.51 12.58 7.86
C ILE A 104 6.83 13.20 6.50
N ALA A 105 7.02 12.36 5.49
CA ALA A 105 7.23 12.86 4.11
C ALA A 105 6.60 11.89 3.14
N LEU A 106 6.50 12.29 1.87
CA LEU A 106 6.03 11.40 0.80
C LEU A 106 7.15 11.01 -0.14
N SER A 107 8.41 11.26 0.22
CA SER A 107 9.61 10.87 -0.54
C SER A 107 10.80 10.95 0.41
N GLY A 108 11.93 10.39 0.02
CA GLY A 108 13.15 10.44 0.84
C GLY A 108 13.11 9.53 2.04
N ASP A 109 14.03 9.72 2.99
CA ASP A 109 14.31 8.75 4.06
C ASP A 109 13.11 8.66 5.03
N TYR A 110 12.31 9.71 5.11
CA TYR A 110 11.15 9.79 6.04
C TYR A 110 9.86 9.49 5.29
N SER A 111 9.97 8.96 4.09
CA SER A 111 8.75 8.61 3.31
C SER A 111 7.87 7.60 4.07
N ILE A 112 6.60 7.88 4.00
CA ILE A 112 5.58 6.95 4.55
C ILE A 112 4.95 6.13 3.44
N ILE A 113 5.31 6.37 2.18
CA ILE A 113 4.77 5.55 1.06
C ILE A 113 5.09 4.08 1.31
N GLY A 114 4.08 3.22 1.21
CA GLY A 114 4.28 1.79 1.42
C GLY A 114 4.22 1.38 2.88
N ARG A 115 4.00 2.34 3.81
CA ARG A 115 3.81 2.01 5.23
C ARG A 115 2.33 2.00 5.52
N THR A 116 1.95 1.88 6.77
CA THR A 116 0.53 1.68 7.11
C THR A 116 0.00 2.79 7.98
N MET A 117 -1.17 3.30 7.71
CA MET A 117 -1.90 4.17 8.64
C MET A 117 -2.76 3.29 9.55
N VAL A 118 -2.76 3.57 10.85
CA VAL A 118 -3.61 2.88 11.83
C VAL A 118 -4.43 3.92 12.58
N VAL A 119 -5.72 3.63 12.79
CA VAL A 119 -6.58 4.37 13.75
C VAL A 119 -6.93 3.42 14.90
N HIS A 120 -6.86 3.96 16.12
CA HIS A 120 -6.86 3.17 17.38
C HIS A 120 -8.19 3.30 18.15
N GLU A 121 -8.31 2.38 19.08
CA GLU A 121 -9.46 2.22 20.02
C GLU A 121 -9.52 3.42 20.96
N LYS A 122 -8.39 3.82 21.51
CA LYS A 122 -8.38 4.78 22.64
C LYS A 122 -7.68 6.07 22.23
N ARG A 123 -7.72 7.06 23.16
CA ARG A 123 -6.94 8.30 22.98
C ARG A 123 -5.44 8.01 23.15
N ASP A 124 -4.63 8.59 22.27
CA ASP A 124 -3.16 8.65 22.40
C ASP A 124 -2.85 9.68 23.50
N ASP A 125 -2.13 9.24 24.53
CA ASP A 125 -1.77 10.13 25.67
C ASP A 125 -0.53 10.95 25.32
N LEU A 126 -0.08 10.91 24.07
CA LEU A 126 1.04 11.74 23.54
C LEU A 126 2.35 11.45 24.30
N GLY A 127 2.51 10.28 24.87
CA GLY A 127 3.78 9.85 25.48
C GLY A 127 3.95 10.48 26.84
N LYS A 128 2.88 11.06 27.38
CA LYS A 128 2.93 11.78 28.68
C LYS A 128 2.45 10.91 29.83
N GLY A 129 1.97 9.70 29.58
CA GLY A 129 1.52 8.79 30.64
C GLY A 129 2.72 8.26 31.41
N ASP A 130 2.53 7.91 32.66
CA ASP A 130 3.68 7.57 33.52
C ASP A 130 3.98 6.07 33.42
N ASN A 131 4.14 5.49 32.22
CA ASN A 131 4.47 4.05 32.10
C ASN A 131 5.23 3.77 30.79
N GLU A 132 5.80 2.59 30.70
CA GLU A 132 6.56 2.13 29.48
C GLU A 132 5.59 2.20 28.30
N GLU A 133 4.36 1.73 28.45
CA GLU A 133 3.41 1.73 27.31
C GLU A 133 3.25 3.10 26.68
N SER A 134 3.12 4.20 27.45
CA SER A 134 2.96 5.55 26.92
C SER A 134 4.12 5.83 25.96
N THR A 135 5.31 5.41 26.34
CA THR A 135 6.56 5.73 25.58
C THR A 135 6.63 4.90 24.29
N GLN A 136 5.74 3.94 24.08
CA GLN A 136 5.74 3.10 22.86
C GLN A 136 4.53 3.43 21.98
N THR A 137 3.33 3.52 22.57
CA THR A 137 2.05 3.52 21.82
C THR A 137 1.17 4.69 22.23
N GLY A 138 1.54 5.45 23.27
CA GLY A 138 0.62 6.45 23.83
C GLY A 138 -0.59 5.80 24.52
N ASN A 139 -0.52 4.52 24.88
CA ASN A 139 -1.71 3.82 25.47
C ASN A 139 -2.93 3.93 24.55
N ALA A 140 -2.72 3.90 23.23
CA ALA A 140 -3.83 4.09 22.27
C ALA A 140 -4.64 2.80 22.09
N GLY A 141 -4.19 1.68 22.64
CA GLY A 141 -4.99 0.45 22.62
C GLY A 141 -5.03 -0.21 21.25
N SER A 142 -6.10 -0.92 20.98
CA SER A 142 -6.19 -1.80 19.79
C SER A 142 -6.26 -1.00 18.49
N ARG A 143 -5.94 -1.73 17.44
CA ARG A 143 -5.93 -1.18 16.07
C ARG A 143 -7.27 -1.46 15.41
N LEU A 144 -8.06 -0.45 15.21
CA LEU A 144 -9.44 -0.63 14.73
C LEU A 144 -9.44 -0.84 13.22
N ALA A 145 -8.57 -0.14 12.49
CA ALA A 145 -8.57 -0.20 11.02
C ALA A 145 -7.21 0.30 10.53
N CYS A 146 -6.84 -0.12 9.34
CA CYS A 146 -5.52 0.26 8.81
C CYS A 146 -5.56 0.09 7.31
N GLY A 147 -4.57 0.64 6.66
CA GLY A 147 -4.37 0.44 5.22
C GLY A 147 -2.96 0.82 4.83
N VAL A 148 -2.54 0.35 3.68
CA VAL A 148 -1.20 0.65 3.13
C VAL A 148 -1.31 1.99 2.43
N ILE A 149 -0.31 2.82 2.62
CA ILE A 149 -0.23 4.17 2.01
C ILE A 149 0.33 4.04 0.58
N GLY A 150 -0.51 4.41 -0.38
CA GLY A 150 -0.18 4.24 -1.79
C GLY A 150 0.05 5.56 -2.47
N ILE A 151 0.75 5.51 -3.59
CA ILE A 151 0.97 6.68 -4.48
C ILE A 151 -0.33 7.00 -5.20
N ALA A 152 -0.75 8.25 -5.18
CA ALA A 152 -2.02 8.68 -5.78
C ALA A 152 -1.75 9.61 -6.95
N GLN A 153 -2.72 9.68 -7.83
N GLN A 153 -2.72 9.71 -7.82
CA GLN A 153 -2.60 10.54 -9.04
CA GLN A 153 -2.64 10.65 -8.96
C GLN A 153 -2.61 12.01 -8.59
C GLN A 153 -2.83 12.07 -8.40
N MET B 1 20.52 -2.88 1.85
CA MET B 1 20.97 -3.91 0.88
C MET B 1 19.74 -4.73 0.46
N GLU B 2 19.25 -5.66 1.32
CA GLU B 2 18.07 -6.51 1.00
C GLU B 2 16.78 -5.76 1.35
N MET B 3 15.89 -5.61 0.37
CA MET B 3 14.60 -4.93 0.51
C MET B 3 13.51 -5.98 0.30
N LYS B 4 12.45 -5.85 1.10
CA LYS B 4 11.32 -6.79 0.98
C LYS B 4 10.04 -5.98 0.91
N ALA B 5 9.09 -6.55 0.22
CA ALA B 5 7.73 -5.98 0.15
C ALA B 5 6.71 -7.12 0.10
N VAL B 6 5.45 -6.73 0.27
CA VAL B 6 4.32 -7.68 0.34
C VAL B 6 3.09 -7.01 -0.19
N CYS B 7 2.19 -7.81 -0.74
N CYS B 7 2.18 -7.76 -0.76
CA CYS B 7 0.92 -7.36 -1.34
CA CYS B 7 0.85 -7.19 -0.98
C CYS B 7 -0.19 -8.38 -1.04
C CYS B 7 -0.15 -8.33 -0.90
N VAL B 8 -1.28 -7.94 -0.40
CA VAL B 8 -2.46 -8.81 -0.18
C VAL B 8 -3.47 -8.47 -1.27
N LEU B 9 -3.79 -9.44 -2.11
CA LEU B 9 -4.75 -9.22 -3.21
C LEU B 9 -6.17 -9.55 -2.75
N LYS B 10 -7.08 -8.62 -2.96
CA LYS B 10 -8.51 -8.81 -2.62
C LYS B 10 -9.32 -8.24 -3.78
N GLY B 11 -10.55 -8.74 -3.96
CA GLY B 11 -11.48 -8.20 -4.94
C GLY B 11 -12.90 -8.34 -4.48
N GLN B 12 -13.80 -8.24 -5.42
CA GLN B 12 -15.25 -8.33 -5.10
C GLN B 12 -15.68 -9.78 -5.14
N GLY B 13 -14.91 -10.64 -5.80
CA GLY B 13 -15.23 -12.07 -6.02
C GLY B 13 -14.37 -12.95 -5.15
N PRO B 14 -14.16 -14.22 -5.54
CA PRO B 14 -13.44 -15.18 -4.71
C PRO B 14 -11.91 -15.12 -4.80
N VAL B 15 -11.34 -14.31 -5.70
CA VAL B 15 -9.89 -14.36 -5.94
C VAL B 15 -9.17 -13.63 -4.83
N GLU B 16 -8.16 -14.27 -4.27
CA GLU B 16 -7.36 -13.64 -3.19
C GLU B 16 -5.96 -14.18 -3.29
N GLY B 17 -5.02 -13.44 -2.71
CA GLY B 17 -3.66 -13.95 -2.68
C GLY B 17 -2.71 -13.08 -1.91
N THR B 18 -1.52 -13.58 -1.73
CA THR B 18 -0.44 -12.88 -1.03
C THR B 18 0.81 -12.99 -1.90
N ILE B 19 1.37 -11.82 -2.28
CA ILE B 19 2.56 -11.74 -3.12
C ILE B 19 3.69 -11.18 -2.28
N HIS B 20 4.86 -11.77 -2.41
CA HIS B 20 6.09 -11.36 -1.74
C HIS B 20 7.11 -10.92 -2.77
N PHE B 21 7.91 -9.95 -2.39
CA PHE B 21 8.95 -9.38 -3.25
C PHE B 21 10.25 -9.30 -2.46
N VAL B 22 11.35 -9.58 -3.10
CA VAL B 22 12.70 -9.38 -2.51
C VAL B 22 13.65 -8.83 -3.57
N GLN B 23 14.41 -7.84 -3.21
CA GLN B 23 15.47 -7.31 -4.10
C GLN B 23 16.72 -7.10 -3.26
N LYS B 24 17.86 -7.59 -3.74
CA LYS B 24 19.16 -7.38 -3.07
C LYS B 24 19.87 -6.28 -3.88
N GLY B 25 20.05 -5.12 -3.28
CA GLY B 25 20.71 -3.99 -3.93
C GLY B 25 19.98 -3.69 -5.23
N SER B 26 20.72 -3.58 -6.33
CA SER B 26 20.13 -3.20 -7.64
C SER B 26 19.85 -4.45 -8.46
N GLY B 27 19.71 -5.62 -7.85
CA GLY B 27 19.50 -6.89 -8.53
C GLY B 27 18.05 -7.06 -8.96
N PRO B 28 17.71 -8.20 -9.52
CA PRO B 28 16.35 -8.49 -9.94
C PRO B 28 15.42 -8.46 -8.72
N VAL B 29 14.14 -8.20 -8.96
CA VAL B 29 13.10 -8.46 -7.94
C VAL B 29 12.61 -9.87 -8.17
N VAL B 30 12.61 -10.64 -7.08
CA VAL B 30 12.08 -12.01 -7.03
C VAL B 30 10.68 -11.94 -6.41
N VAL B 31 9.70 -12.33 -7.21
CA VAL B 31 8.27 -12.26 -6.88
C VAL B 31 7.78 -13.67 -6.61
N SER B 32 7.13 -13.88 -5.48
CA SER B 32 6.65 -15.22 -5.10
C SER B 32 5.30 -15.06 -4.45
N GLY B 33 4.67 -16.19 -4.14
CA GLY B 33 3.37 -16.18 -3.49
C GLY B 33 2.37 -17.05 -4.18
N THR B 34 1.12 -16.89 -3.77
CA THR B 34 0.03 -17.79 -4.16
C THR B 34 -1.23 -16.99 -4.38
N ILE B 35 -1.96 -17.31 -5.43
CA ILE B 35 -3.28 -16.71 -5.69
C ILE B 35 -4.27 -17.87 -5.76
N THR B 36 -5.44 -17.70 -5.15
CA THR B 36 -6.48 -18.77 -5.18
C THR B 36 -7.76 -18.24 -5.81
N GLY B 37 -8.67 -19.15 -6.19
CA GLY B 37 -10.02 -18.76 -6.65
C GLY B 37 -10.07 -18.45 -8.12
N LEU B 38 -8.99 -18.71 -8.84
CA LEU B 38 -8.88 -18.35 -10.29
C LEU B 38 -9.50 -19.44 -11.15
N THR B 39 -9.94 -19.09 -12.35
CA THR B 39 -10.19 -20.11 -13.39
C THR B 39 -8.89 -20.73 -13.88
N LYS B 40 -8.92 -21.99 -14.26
CA LYS B 40 -7.70 -22.67 -14.76
C LYS B 40 -7.20 -21.90 -15.97
N GLY B 41 -5.89 -21.73 -16.03
CA GLY B 41 -5.21 -21.14 -17.18
C GLY B 41 -4.49 -19.85 -16.81
N GLU B 42 -4.12 -19.11 -17.84
CA GLU B 42 -3.21 -17.95 -17.70
C GLU B 42 -4.02 -16.70 -17.41
N HIS B 43 -3.51 -15.90 -16.49
CA HIS B 43 -4.12 -14.63 -16.03
C HIS B 43 -3.07 -13.51 -16.06
N GLY B 44 -3.39 -12.40 -16.67
CA GLY B 44 -2.47 -11.24 -16.65
C GLY B 44 -2.16 -10.80 -15.24
N PHE B 45 -0.93 -10.33 -15.08
CA PHE B 45 -0.42 -10.01 -13.74
C PHE B 45 0.52 -8.82 -13.89
N HIS B 46 0.12 -7.65 -13.39
CA HIS B 46 0.90 -6.44 -13.61
C HIS B 46 0.94 -5.55 -12.40
N VAL B 47 1.99 -4.76 -12.32
CA VAL B 47 2.02 -3.58 -11.43
C VAL B 47 1.31 -2.42 -12.11
N HIS B 48 0.31 -1.88 -11.48
CA HIS B 48 -0.39 -0.67 -11.95
C HIS B 48 0.15 0.54 -11.21
N GLN B 49 -0.07 1.71 -11.77
CA GLN B 49 0.66 2.93 -11.39
C GLN B 49 0.32 3.36 -9.96
N PHE B 50 -0.94 3.41 -9.59
CA PHE B 50 -1.37 4.08 -8.34
C PHE B 50 -1.73 3.04 -7.28
N GLY B 51 -1.31 3.31 -6.08
CA GLY B 51 -1.71 2.52 -4.88
C GLY B 51 -3.01 3.04 -4.31
N ASP B 52 -4.03 3.19 -5.16
CA ASP B 52 -5.31 3.86 -4.84
C ASP B 52 -6.44 2.84 -4.97
N ASN B 53 -7.00 2.41 -3.83
CA ASN B 53 -8.07 1.39 -3.76
C ASN B 53 -9.40 2.06 -3.44
N THR B 54 -9.52 3.36 -3.64
CA THR B 54 -10.77 4.10 -3.29
C THR B 54 -11.91 3.60 -4.17
N GLN B 55 -11.64 3.19 -5.40
CA GLN B 55 -12.69 2.62 -6.29
C GLN B 55 -12.35 1.17 -6.59
N GLY B 56 -11.97 0.40 -5.60
CA GLY B 56 -11.51 -0.97 -5.82
C GLY B 56 -10.29 -0.98 -6.73
N CYS B 57 -10.22 -1.94 -7.65
CA CYS B 57 -9.04 -2.05 -8.53
C CYS B 57 -9.07 -1.01 -9.65
N THR B 58 -10.22 -0.38 -9.93
CA THR B 58 -10.30 0.59 -11.04
C THR B 58 -9.37 1.76 -10.80
N SER B 59 -9.26 2.26 -9.57
CA SER B 59 -8.52 3.47 -9.24
C SER B 59 -7.00 3.23 -9.19
N ALA B 60 -6.54 2.00 -9.48
CA ALA B 60 -5.08 1.76 -9.59
C ALA B 60 -4.53 2.34 -10.88
N GLY B 61 -5.36 2.77 -11.81
CA GLY B 61 -4.83 3.34 -13.05
C GLY B 61 -4.22 2.28 -13.95
N PRO B 62 -3.47 2.76 -14.95
CA PRO B 62 -2.93 1.87 -15.97
C PRO B 62 -1.65 1.17 -15.49
N HIS B 63 -1.05 0.38 -16.36
CA HIS B 63 0.21 -0.30 -16.01
C HIS B 63 1.28 0.72 -15.68
N PHE B 64 2.11 0.43 -14.68
CA PHE B 64 3.24 1.29 -14.33
C PHE B 64 4.22 1.42 -15.51
N ASN B 65 4.47 2.67 -15.94
CA ASN B 65 5.09 2.92 -17.26
C ASN B 65 5.96 4.16 -17.25
N PRO B 66 7.00 4.21 -16.44
CA PRO B 66 7.82 5.42 -16.33
C PRO B 66 8.66 5.67 -17.58
N LEU B 67 8.86 4.67 -18.43
CA LEU B 67 9.65 4.90 -19.67
C LEU B 67 8.72 5.11 -20.87
N SER B 68 7.43 5.26 -20.64
CA SER B 68 6.47 5.69 -21.70
C SER B 68 6.53 4.76 -22.90
N LYS B 69 6.45 3.48 -22.72
CA LYS B 69 6.48 2.43 -23.72
C LYS B 69 5.09 1.84 -23.93
N LYS B 70 4.96 1.04 -24.96
CA LYS B 70 3.73 0.22 -25.16
C LYS B 70 3.82 -1.06 -24.35
N HIS B 71 2.71 -1.75 -24.24
CA HIS B 71 2.58 -3.01 -23.47
C HIS B 71 3.33 -4.12 -24.18
N GLY B 72 3.93 -5.01 -23.42
CA GLY B 72 4.57 -6.21 -23.92
C GLY B 72 4.54 -7.32 -22.89
N GLY B 73 5.19 -8.42 -23.21
CA GLY B 73 5.52 -9.44 -22.21
C GLY B 73 6.80 -9.08 -21.50
N PRO B 74 7.05 -9.74 -20.36
CA PRO B 74 8.22 -9.39 -19.55
C PRO B 74 9.55 -9.60 -20.29
N LYS B 75 9.60 -10.49 -21.29
CA LYS B 75 10.85 -10.70 -22.06
C LYS B 75 11.06 -9.65 -23.14
N ASP B 76 10.06 -8.83 -23.47
CA ASP B 76 10.13 -7.87 -24.60
C ASP B 76 10.93 -6.63 -24.18
N GLN B 77 11.70 -6.02 -25.08
CA GLN B 77 12.32 -4.72 -24.87
C GLN B 77 11.20 -3.68 -24.72
N GLU B 78 10.24 -3.75 -25.65
CA GLU B 78 9.09 -2.83 -25.61
C GLU B 78 8.04 -3.43 -24.67
N ARG B 79 8.03 -2.89 -23.45
CA ARG B 79 7.06 -3.31 -22.43
C ARG B 79 6.94 -2.18 -21.44
N HIS B 80 5.85 -2.20 -20.66
CA HIS B 80 5.76 -1.38 -19.45
C HIS B 80 6.61 -1.98 -18.32
N VAL B 81 7.13 -1.14 -17.48
CA VAL B 81 7.85 -1.63 -16.28
C VAL B 81 6.95 -2.60 -15.52
N GLY B 82 5.66 -2.31 -15.44
CA GLY B 82 4.75 -3.17 -14.66
C GLY B 82 4.40 -4.46 -15.33
N ASP B 83 4.86 -4.76 -16.53
CA ASP B 83 4.39 -5.93 -17.30
C ASP B 83 5.06 -7.21 -16.82
N LEU B 84 4.40 -7.97 -15.94
CA LEU B 84 4.97 -9.24 -15.45
C LEU B 84 4.27 -10.44 -16.10
N GLY B 85 3.60 -10.28 -17.24
CA GLY B 85 3.09 -11.39 -18.04
C GLY B 85 1.90 -12.07 -17.40
N ASN B 86 1.92 -13.40 -17.39
CA ASN B 86 0.83 -14.26 -16.93
C ASN B 86 1.30 -15.09 -15.74
N VAL B 87 0.38 -15.28 -14.82
CA VAL B 87 0.45 -16.38 -13.83
C VAL B 87 -0.48 -17.49 -14.34
N THR B 88 -0.19 -18.73 -13.96
CA THR B 88 -1.00 -19.88 -14.42
C THR B 88 -1.69 -20.53 -13.24
N ALA B 89 -3.00 -20.63 -13.29
CA ALA B 89 -3.83 -21.34 -12.29
C ALA B 89 -4.05 -22.77 -12.77
N GLY B 90 -3.88 -23.72 -11.86
CA GLY B 90 -4.17 -25.13 -12.19
C GLY B 90 -5.66 -25.42 -12.11
N LYS B 91 -6.00 -26.73 -12.25
CA LYS B 91 -7.38 -27.30 -12.13
C LYS B 91 -8.05 -26.80 -10.83
N ASP B 92 -7.31 -26.67 -9.73
CA ASP B 92 -7.83 -26.30 -8.38
C ASP B 92 -7.97 -24.78 -8.18
N GLY B 93 -7.64 -23.98 -9.20
CA GLY B 93 -7.81 -22.52 -9.16
C GLY B 93 -6.64 -21.81 -8.48
N VAL B 94 -5.56 -22.55 -8.21
CA VAL B 94 -4.41 -22.00 -7.46
C VAL B 94 -3.31 -21.69 -8.46
N ALA B 95 -2.80 -20.45 -8.40
CA ALA B 95 -1.59 -20.10 -9.13
C ALA B 95 -0.44 -19.96 -8.16
N ILE B 96 0.65 -20.64 -8.43
CA ILE B 96 1.92 -20.43 -7.75
C ILE B 96 2.71 -19.40 -8.53
N VAL B 97 3.01 -18.29 -7.86
CA VAL B 97 3.72 -17.17 -8.52
C VAL B 97 5.20 -17.39 -8.34
N SER B 98 5.95 -17.36 -9.43
CA SER B 98 7.42 -17.45 -9.39
C SER B 98 7.97 -16.70 -10.57
N ILE B 99 8.38 -15.48 -10.29
CA ILE B 99 8.80 -14.49 -11.33
C ILE B 99 10.10 -13.88 -10.86
N GLU B 100 11.05 -13.67 -11.77
CA GLU B 100 12.17 -12.76 -11.54
C GLU B 100 12.07 -11.68 -12.61
N ASP B 101 12.16 -10.43 -12.20
CA ASP B 101 12.08 -9.32 -13.18
C ASP B 101 13.15 -8.27 -12.92
N SER B 102 13.68 -7.73 -14.02
CA SER B 102 14.82 -6.80 -14.03
C SER B 102 14.38 -5.35 -14.18
N LEU B 103 13.11 -5.11 -14.50
CA LEU B 103 12.68 -3.69 -14.70
C LEU B 103 12.07 -3.07 -13.46
N ILE B 104 11.25 -3.84 -12.75
CA ILE B 104 10.73 -3.33 -11.47
C ILE B 104 11.84 -3.31 -10.42
N ALA B 105 11.59 -2.54 -9.39
CA ALA B 105 12.55 -2.38 -8.26
C ALA B 105 11.76 -2.16 -6.99
N LEU B 106 12.46 -2.17 -5.85
CA LEU B 106 11.83 -1.78 -4.57
C LEU B 106 12.43 -0.49 -4.04
N SER B 107 13.21 0.23 -4.85
CA SER B 107 13.68 1.58 -4.51
C SER B 107 14.01 2.28 -5.80
N GLY B 108 14.05 3.59 -5.73
CA GLY B 108 14.42 4.44 -6.88
C GLY B 108 13.29 4.62 -7.86
N ASP B 109 13.59 5.09 -9.06
CA ASP B 109 12.55 5.57 -9.98
C ASP B 109 11.66 4.40 -10.42
N TYR B 110 12.18 3.16 -10.42
CA TYR B 110 11.39 1.97 -10.85
C TYR B 110 10.69 1.32 -9.65
N SER B 111 10.71 1.96 -8.51
CA SER B 111 10.12 1.35 -7.30
C SER B 111 8.62 1.09 -7.51
N ILE B 112 8.18 -0.06 -7.08
CA ILE B 112 6.75 -0.45 -7.06
C ILE B 112 6.18 -0.35 -5.64
N ILE B 113 6.98 0.09 -4.67
CA ILE B 113 6.43 0.36 -3.33
C ILE B 113 5.34 1.41 -3.46
N GLY B 114 4.18 1.16 -2.85
CA GLY B 114 3.09 2.10 -2.90
C GLY B 114 2.30 2.06 -4.19
N ARG B 115 2.59 1.10 -5.08
CA ARG B 115 1.80 0.90 -6.32
C ARG B 115 0.91 -0.29 -6.11
N THR B 116 0.22 -0.75 -7.12
CA THR B 116 -0.80 -1.84 -6.98
C THR B 116 -0.45 -3.06 -7.80
N MET B 117 -0.53 -4.23 -7.23
CA MET B 117 -0.52 -5.47 -8.01
C MET B 117 -1.92 -5.83 -8.42
N VAL B 118 -2.11 -6.24 -9.67
CA VAL B 118 -3.43 -6.65 -10.19
C VAL B 118 -3.29 -8.00 -10.84
N VAL B 119 -4.28 -8.86 -10.61
CA VAL B 119 -4.43 -10.10 -11.39
C VAL B 119 -5.75 -9.99 -12.14
N HIS B 120 -5.69 -10.39 -13.40
CA HIS B 120 -6.79 -10.16 -14.35
C HIS B 120 -7.63 -11.41 -14.63
N GLU B 121 -8.78 -11.14 -15.25
CA GLU B 121 -9.74 -12.19 -15.65
C GLU B 121 -9.19 -13.09 -16.76
N LYS B 122 -8.44 -12.51 -17.71
CA LYS B 122 -8.01 -13.23 -18.92
C LYS B 122 -6.52 -13.19 -19.10
N ARG B 123 -6.04 -14.01 -20.02
CA ARG B 123 -4.63 -14.08 -20.42
C ARG B 123 -4.18 -12.73 -20.97
N ASP B 124 -2.98 -12.33 -20.61
CA ASP B 124 -2.28 -11.21 -21.25
C ASP B 124 -1.64 -11.73 -22.53
N ASP B 125 -2.04 -11.14 -23.67
CA ASP B 125 -1.52 -11.58 -24.99
C ASP B 125 -0.13 -11.01 -25.28
N LEU B 126 0.51 -10.35 -24.32
CA LEU B 126 1.93 -9.92 -24.38
C LEU B 126 2.13 -8.88 -25.47
N GLY B 127 1.06 -8.17 -25.82
CA GLY B 127 1.19 -7.07 -26.79
C GLY B 127 1.09 -7.53 -28.22
N LYS B 128 0.77 -8.79 -28.48
CA LYS B 128 0.87 -9.42 -29.82
C LYS B 128 -0.52 -9.67 -30.40
N GLY B 129 -1.55 -9.02 -29.90
CA GLY B 129 -2.94 -9.27 -30.34
C GLY B 129 -3.35 -8.56 -31.60
N ASP B 130 -2.64 -7.54 -32.02
CA ASP B 130 -2.85 -6.82 -33.32
C ASP B 130 -4.05 -5.89 -33.27
N ASN B 131 -4.62 -5.64 -32.11
CA ASN B 131 -5.52 -4.49 -31.85
C ASN B 131 -4.84 -3.48 -30.92
N GLU B 132 -5.34 -2.27 -30.85
CA GLU B 132 -4.72 -1.22 -30.01
C GLU B 132 -4.77 -1.66 -28.56
N GLU B 133 -5.86 -2.28 -28.12
CA GLU B 133 -5.97 -2.64 -26.70
C GLU B 133 -4.82 -3.58 -26.35
N SER B 134 -4.37 -4.46 -27.20
CA SER B 134 -3.21 -5.35 -26.93
C SER B 134 -2.02 -4.49 -26.52
N THR B 135 -1.82 -3.34 -27.15
CA THR B 135 -0.63 -2.50 -26.94
C THR B 135 -0.75 -1.69 -25.66
N GLN B 136 -1.89 -1.78 -24.97
CA GLN B 136 -2.12 -1.07 -23.70
C GLN B 136 -2.24 -2.06 -22.54
N THR B 137 -2.98 -3.14 -22.71
CA THR B 137 -3.33 -4.01 -21.57
C THR B 137 -3.14 -5.48 -21.88
N GLY B 138 -2.78 -5.83 -23.10
CA GLY B 138 -2.70 -7.22 -23.49
C GLY B 138 -4.04 -7.92 -23.57
N ASN B 139 -5.13 -7.17 -23.64
CA ASN B 139 -6.48 -7.76 -23.63
C ASN B 139 -6.69 -8.65 -22.40
N ALA B 140 -6.07 -8.30 -21.26
CA ALA B 140 -6.20 -9.13 -20.03
C ALA B 140 -7.53 -8.90 -19.35
N GLY B 141 -8.26 -7.86 -19.71
CA GLY B 141 -9.63 -7.70 -19.23
C GLY B 141 -9.69 -7.24 -17.79
N SER B 142 -10.80 -7.60 -17.15
CA SER B 142 -11.16 -7.03 -15.84
C SER B 142 -10.14 -7.43 -14.74
N ARG B 143 -10.16 -6.63 -13.71
CA ARG B 143 -9.23 -6.75 -12.57
C ARG B 143 -9.93 -7.58 -11.49
N LEU B 144 -9.51 -8.79 -11.30
CA LEU B 144 -10.24 -9.67 -10.32
C LEU B 144 -9.85 -9.37 -8.89
N ALA B 145 -8.59 -9.02 -8.64
CA ALA B 145 -8.12 -8.73 -7.28
C ALA B 145 -6.89 -7.85 -7.38
N CYS B 146 -6.65 -7.09 -6.33
CA CYS B 146 -5.53 -6.17 -6.31
C CYS B 146 -5.17 -5.83 -4.87
N GLY B 147 -4.00 -5.26 -4.69
CA GLY B 147 -3.56 -4.82 -3.35
C GLY B 147 -2.47 -3.78 -3.51
N VAL B 148 -2.28 -2.92 -2.56
CA VAL B 148 -1.18 -1.95 -2.49
C VAL B 148 0.07 -2.66 -2.02
N ILE B 149 1.21 -2.38 -2.66
CA ILE B 149 2.50 -3.02 -2.36
C ILE B 149 3.18 -2.26 -1.23
N GLY B 150 3.38 -2.96 -0.10
CA GLY B 150 3.93 -2.33 1.10
C GLY B 150 5.30 -2.83 1.45
N ILE B 151 5.99 -2.03 2.22
CA ILE B 151 7.32 -2.37 2.80
C ILE B 151 7.14 -3.50 3.82
N ALA B 152 7.92 -4.54 3.72
CA ALA B 152 7.84 -5.71 4.63
C ALA B 152 9.12 -5.83 5.45
N GLN B 153 9.00 -6.46 6.61
N GLN B 153 9.02 -6.54 6.58
CA GLN B 153 10.18 -6.70 7.48
CA GLN B 153 10.17 -6.73 7.48
C GLN B 153 11.01 -7.83 6.85
C GLN B 153 11.12 -7.77 6.86
ZN ZN C . 4.58 6.62 18.43
CU CU D . -0.74 3.43 15.84
ZN ZN E . 1.40 -3.25 -19.75
CU CU F . -2.89 -5.27 -14.96
#